data_6H59
#
_entry.id   6H59
#
_cell.length_a   97.986
_cell.length_b   115.080
_cell.length_c   45.472
_cell.angle_alpha   90.00
_cell.angle_beta   90.00
_cell.angle_gamma   90.00
#
_symmetry.space_group_name_H-M   'P 21 21 2'
#
loop_
_entity.id
_entity.type
_entity.pdbx_description
1 polymer 'CDP-diacylglycerol--inositol 3-phosphatidyltransferase'
2 non-polymer 'MAGNESIUM ION'
3 non-polymer 'SULFATE ION'
4 non-polymer 'TRIETHYLENE GLYCOL'
5 non-polymer '[(2~{S})-3-[[[(2~{R},3~{S},4~{R},5~{R})-5-(6-azanyl-2-oxidanylidene-1,4-dihydropyrimidin-3-yl)-3,4-bis(oxidanyl)oxolan-2-yl]methoxy-oxidanyl-phosphoryl]oxy-oxidanyl-phosphoryl]oxy-2-hexanoyloxy-propyl] hexanoate'
6 non-polymer '(2S)-2,3-dihydroxypropyl (9Z)-octadec-9-enoate'
7 non-polymer 'PENTAETHYLENE GLYCOL'
8 water water
#
_entity_poly.entity_id   1
_entity_poly.type   'polypeptide(L)'
_entity_poly.pdbx_seq_one_letter_code
;MSKLPFLSRAAFARITTPIARGLLRVGLTPDVVTILGTTASVAGALTLFPMGKLFAGACVVWFFVLFDMLDGAMARERGG
GTRFGAVLDATCDRISDGAVFCGLLWWIAFHMRDRPLVIATLICLVTSQVISYIKARAEASGLRGDGGFIERPERLIIVL
TGAGVSDFPFVPWPPALSVGMWLLAVASVITCVQRLHTVWTSPGAIDRMAIPGKGDR
;
_entity_poly.pdbx_strand_id   A,B
#
# COMPACT_ATOMS: atom_id res chain seq x y z
N ALA A 13 -27.66 -8.07 -11.02
CA ALA A 13 -27.46 -9.45 -11.47
C ALA A 13 -28.26 -9.70 -12.75
N ARG A 14 -29.59 -9.56 -12.66
CA ARG A 14 -30.40 -9.52 -13.86
C ARG A 14 -29.98 -8.39 -14.77
N ILE A 15 -29.08 -7.51 -14.31
CA ILE A 15 -28.59 -6.38 -15.08
C ILE A 15 -27.12 -6.54 -15.45
N THR A 16 -26.30 -7.08 -14.54
CA THR A 16 -24.89 -7.23 -14.85
C THR A 16 -24.65 -8.39 -15.80
N THR A 17 -25.48 -9.43 -15.71
CA THR A 17 -25.26 -10.62 -16.52
C THR A 17 -25.47 -10.32 -18.00
N PRO A 18 -26.60 -9.77 -18.43
CA PRO A 18 -26.72 -9.38 -19.84
C PRO A 18 -25.63 -8.45 -20.30
N ILE A 19 -25.29 -7.45 -19.48
CA ILE A 19 -24.21 -6.55 -19.84
C ILE A 19 -22.91 -7.32 -20.00
N ALA A 20 -22.60 -8.22 -19.05
CA ALA A 20 -21.35 -8.95 -19.14
C ALA A 20 -21.30 -9.82 -20.40
N ARG A 21 -22.38 -10.53 -20.70
CA ARG A 21 -22.40 -11.31 -21.94
C ARG A 21 -22.18 -10.42 -23.16
N GLY A 22 -22.76 -9.22 -23.15
CA GLY A 22 -22.52 -8.29 -24.24
C GLY A 22 -21.06 -7.96 -24.42
N LEU A 23 -20.34 -7.71 -23.32
CA LEU A 23 -18.94 -7.33 -23.44
C LEU A 23 -18.09 -8.48 -23.92
N LEU A 24 -18.38 -9.69 -23.45
CA LEU A 24 -17.72 -10.88 -23.99
C LEU A 24 -17.96 -11.03 -25.48
N ARG A 25 -19.21 -10.80 -25.91
CA ARG A 25 -19.55 -10.95 -27.33
C ARG A 25 -18.80 -9.95 -28.19
N VAL A 26 -18.56 -8.76 -27.65
CA VAL A 26 -17.80 -7.76 -28.35
C VAL A 26 -16.33 -8.15 -28.50
N GLY A 27 -15.85 -9.11 -27.71
CA GLY A 27 -14.45 -9.51 -27.74
C GLY A 27 -13.61 -9.03 -26.56
N LEU A 28 -14.21 -8.32 -25.60
CA LEU A 28 -13.46 -7.95 -24.39
C LEU A 28 -13.33 -9.15 -23.47
N THR A 29 -12.22 -9.22 -22.75
CA THR A 29 -11.99 -10.24 -21.75
C THR A 29 -12.18 -9.65 -20.36
N PRO A 30 -12.49 -10.48 -19.35
CA PRO A 30 -12.53 -9.95 -17.98
C PRO A 30 -11.31 -9.12 -17.60
N ASP A 31 -10.11 -9.60 -17.94
CA ASP A 31 -8.88 -8.91 -17.53
C ASP A 31 -8.78 -7.52 -18.16
N VAL A 32 -9.12 -7.41 -19.44
CA VAL A 32 -9.10 -6.10 -20.09
C VAL A 32 -10.12 -5.17 -19.43
N VAL A 33 -11.29 -5.68 -19.08
CA VAL A 33 -12.29 -4.86 -18.43
C VAL A 33 -11.83 -4.41 -17.04
N THR A 34 -11.20 -5.30 -16.27
CA THR A 34 -10.57 -4.91 -15.00
C THR A 34 -9.63 -3.71 -15.18
N ILE A 35 -8.72 -3.80 -16.15
CA ILE A 35 -7.74 -2.75 -16.40
C ILE A 35 -8.43 -1.47 -16.87
N LEU A 36 -9.41 -1.58 -17.77
CA LEU A 36 -10.07 -0.37 -18.27
C LEU A 36 -10.84 0.34 -17.18
N GLY A 37 -11.60 -0.41 -16.37
CA GLY A 37 -12.36 0.23 -15.32
C GLY A 37 -11.47 0.88 -14.28
N THR A 38 -10.34 0.25 -14.00
CA THR A 38 -9.42 0.83 -13.02
C THR A 38 -8.74 2.07 -13.57
N THR A 39 -8.31 2.03 -14.84
CA THR A 39 -7.75 3.22 -15.46
C THR A 39 -8.75 4.38 -15.41
N ALA A 40 -10.02 4.13 -15.77
CA ALA A 40 -11.03 5.18 -15.73
C ALA A 40 -11.23 5.71 -14.32
N SER A 41 -11.30 4.82 -13.33
CA SER A 41 -11.50 5.25 -11.95
C SER A 41 -10.32 6.09 -11.45
N VAL A 42 -9.09 5.66 -11.79
CA VAL A 42 -7.90 6.43 -11.43
C VAL A 42 -7.93 7.78 -12.12
N ALA A 43 -8.29 7.78 -13.41
CA ALA A 43 -8.30 9.04 -14.15
C ALA A 43 -9.30 10.00 -13.52
N GLY A 44 -10.46 9.47 -13.14
CA GLY A 44 -11.47 10.31 -12.51
C GLY A 44 -11.02 10.88 -11.19
N ALA A 45 -10.47 10.03 -10.33
CA ALA A 45 -9.99 10.46 -9.03
C ALA A 45 -8.89 11.52 -9.15
N LEU A 46 -7.93 11.30 -10.05
CA LEU A 46 -6.79 12.20 -10.15
C LEU A 46 -7.09 13.47 -10.95
N THR A 47 -8.18 13.50 -11.72
N THR A 47 -8.22 13.54 -11.65
CA THR A 47 -8.66 14.71 -12.37
CA THR A 47 -8.60 14.77 -12.33
C THR A 47 -9.55 15.51 -11.41
C THR A 47 -9.67 15.57 -11.60
N LEU A 48 -10.63 14.91 -10.94
CA LEU A 48 -11.67 15.63 -10.25
C LEU A 48 -11.28 16.01 -8.82
N PHE A 49 -10.65 15.09 -8.04
CA PHE A 49 -10.44 15.45 -6.63
C PHE A 49 -9.44 16.59 -6.48
N PRO A 50 -8.33 16.61 -7.23
CA PRO A 50 -7.39 17.72 -7.06
C PRO A 50 -7.95 19.07 -7.44
N MET A 51 -8.97 19.12 -8.30
CA MET A 51 -9.70 20.34 -8.66
C MET A 51 -10.78 20.72 -7.64
N GLY A 52 -10.99 19.90 -6.62
CA GLY A 52 -11.98 20.19 -5.63
C GLY A 52 -13.38 19.81 -6.04
N LYS A 53 -13.54 19.05 -7.13
CA LYS A 53 -14.85 18.56 -7.54
C LYS A 53 -15.09 17.22 -6.86
N LEU A 54 -15.34 17.31 -5.56
CA LEU A 54 -15.35 16.12 -4.71
C LEU A 54 -16.64 15.34 -4.87
N PHE A 55 -17.76 16.02 -5.08
CA PHE A 55 -19.00 15.28 -5.32
C PHE A 55 -18.94 14.57 -6.66
N ALA A 56 -18.52 15.26 -7.73
CA ALA A 56 -18.41 14.59 -9.03
C ALA A 56 -17.40 13.45 -8.97
N GLY A 57 -16.27 13.66 -8.29
CA GLY A 57 -15.30 12.59 -8.14
C GLY A 57 -15.87 11.39 -7.43
N ALA A 58 -16.61 11.61 -6.33
CA ALA A 58 -17.20 10.50 -5.60
C ALA A 58 -18.21 9.74 -6.45
N CYS A 59 -18.99 10.47 -7.27
CA CYS A 59 -19.91 9.84 -8.21
C CYS A 59 -19.18 8.97 -9.23
N VAL A 60 -18.08 9.46 -9.78
CA VAL A 60 -17.31 8.70 -10.76
C VAL A 60 -16.73 7.45 -10.10
N VAL A 61 -16.13 7.60 -8.93
CA VAL A 61 -15.60 6.43 -8.24
C VAL A 61 -16.72 5.43 -7.96
N TRP A 62 -17.87 5.90 -7.46
CA TRP A 62 -19.00 4.99 -7.22
C TRP A 62 -19.43 4.30 -8.50
N PHE A 63 -19.48 5.03 -9.61
CA PHE A 63 -19.87 4.39 -10.87
C PHE A 63 -18.95 3.23 -11.18
N PHE A 64 -17.65 3.39 -10.92
CA PHE A 64 -16.73 2.32 -11.29
C PHE A 64 -16.69 1.21 -10.25
N VAL A 65 -17.16 1.46 -9.04
CA VAL A 65 -17.49 0.38 -8.13
C VAL A 65 -18.57 -0.51 -8.71
N LEU A 66 -19.65 0.10 -9.22
CA LEU A 66 -20.66 -0.68 -9.91
C LEU A 66 -20.06 -1.38 -11.13
N PHE A 67 -19.24 -0.66 -11.90
CA PHE A 67 -18.62 -1.22 -13.08
C PHE A 67 -17.76 -2.46 -12.79
N ASP A 68 -17.16 -2.58 -11.58
CA ASP A 68 -16.24 -3.68 -11.23
C ASP A 68 -16.98 -4.98 -10.95
N MET A 69 -18.30 -4.94 -10.94
CA MET A 69 -19.10 -6.14 -10.95
C MET A 69 -19.08 -6.83 -12.31
N LEU A 70 -18.72 -6.10 -13.35
CA LEU A 70 -18.84 -6.65 -14.69
C LEU A 70 -17.73 -7.65 -14.98
N ASP A 71 -16.50 -7.38 -14.53
CA ASP A 71 -15.42 -8.30 -14.90
C ASP A 71 -15.60 -9.65 -14.23
N GLY A 72 -16.10 -9.69 -13.00
CA GLY A 72 -16.41 -10.94 -12.35
C GLY A 72 -17.56 -11.67 -13.03
N ALA A 73 -18.62 -10.93 -13.39
CA ALA A 73 -19.72 -11.52 -14.14
C ALA A 73 -19.25 -12.10 -15.46
N MET A 74 -18.40 -11.36 -16.20
CA MET A 74 -17.81 -11.88 -17.44
C MET A 74 -17.05 -13.18 -17.20
N ALA A 75 -16.19 -13.22 -16.17
CA ALA A 75 -15.40 -14.43 -15.91
C ALA A 75 -16.30 -15.62 -15.67
N ARG A 76 -17.37 -15.42 -14.92
CA ARG A 76 -18.29 -16.52 -14.59
C ARG A 76 -19.03 -16.97 -15.84
N GLU A 77 -19.46 -16.02 -16.68
CA GLU A 77 -20.12 -16.37 -17.92
C GLU A 77 -19.20 -17.11 -18.87
N ARG A 78 -17.90 -16.81 -18.85
CA ARG A 78 -16.95 -17.54 -19.68
C ARG A 78 -16.70 -18.95 -19.18
N GLY A 79 -17.21 -19.33 -18.02
CA GLY A 79 -16.92 -20.64 -17.46
C GLY A 79 -16.02 -20.62 -16.24
N GLY A 80 -15.60 -19.47 -15.75
CA GLY A 80 -14.94 -19.44 -14.46
C GLY A 80 -13.92 -18.32 -14.34
N GLY A 81 -13.71 -17.86 -13.12
CA GLY A 81 -12.63 -16.93 -12.87
C GLY A 81 -11.28 -17.59 -13.03
N THR A 82 -10.25 -16.76 -13.13
CA THR A 82 -8.88 -17.24 -13.15
C THR A 82 -8.12 -16.70 -11.94
N ARG A 83 -7.06 -17.40 -11.59
CA ARG A 83 -6.20 -16.97 -10.50
C ARG A 83 -5.49 -15.67 -10.83
N PHE A 84 -4.99 -15.53 -12.07
CA PHE A 84 -4.44 -14.26 -12.51
C PHE A 84 -5.47 -13.15 -12.39
N GLY A 85 -6.70 -13.40 -12.86
CA GLY A 85 -7.73 -12.41 -12.78
C GLY A 85 -8.07 -12.01 -11.34
N ALA A 86 -8.05 -12.99 -10.43
CA ALA A 86 -8.25 -12.67 -9.03
C ALA A 86 -7.12 -11.80 -8.47
N VAL A 87 -5.88 -12.09 -8.84
CA VAL A 87 -4.76 -11.26 -8.39
C VAL A 87 -4.84 -9.87 -9.02
N LEU A 88 -5.19 -9.81 -10.29
CA LEU A 88 -5.28 -8.55 -11.00
C LEU A 88 -6.38 -7.66 -10.43
N ASP A 89 -7.56 -8.24 -10.17
N ASP A 89 -7.54 -8.23 -10.17
CA ASP A 89 -8.68 -7.46 -9.64
CA ASP A 89 -8.62 -7.41 -9.66
C ASP A 89 -8.33 -6.91 -8.26
C ASP A 89 -8.31 -6.90 -8.25
N ALA A 90 -7.68 -7.74 -7.42
CA ALA A 90 -7.28 -7.31 -6.08
C ALA A 90 -6.19 -6.23 -6.14
N THR A 91 -5.19 -6.41 -7.00
CA THR A 91 -4.13 -5.41 -7.18
C THR A 91 -4.72 -4.08 -7.68
N CYS A 92 -5.63 -4.13 -8.65
CA CYS A 92 -6.24 -2.88 -9.12
C CYS A 92 -7.03 -2.17 -8.02
N ASP A 93 -7.60 -2.92 -7.07
CA ASP A 93 -8.23 -2.29 -5.92
C ASP A 93 -7.25 -1.43 -5.11
N ARG A 94 -6.03 -1.95 -4.89
CA ARG A 94 -5.02 -1.15 -4.21
C ARG A 94 -4.68 0.11 -4.99
N ILE A 95 -4.60 -0.01 -6.32
CA ILE A 95 -4.26 1.12 -7.16
C ILE A 95 -5.38 2.15 -7.13
N SER A 96 -6.63 1.69 -7.26
N SER A 96 -6.65 1.71 -7.24
N SER A 96 -6.64 1.70 -7.28
CA SER A 96 -7.77 2.60 -7.21
CA SER A 96 -7.77 2.65 -7.22
CA SER A 96 -7.78 2.59 -7.21
C SER A 96 -7.85 3.32 -5.87
C SER A 96 -7.94 3.33 -5.86
C SER A 96 -7.84 3.32 -5.87
N ASP A 97 -7.78 2.58 -4.76
CA ASP A 97 -7.75 3.19 -3.43
C ASP A 97 -6.61 4.21 -3.31
N GLY A 98 -5.43 3.84 -3.78
CA GLY A 98 -4.33 4.77 -3.76
C GLY A 98 -4.65 6.06 -4.48
N ALA A 99 -5.27 5.96 -5.65
CA ALA A 99 -5.61 7.15 -6.42
C ALA A 99 -6.65 8.01 -5.71
N VAL A 100 -7.66 7.39 -5.09
CA VAL A 100 -8.64 8.16 -4.32
C VAL A 100 -7.95 9.00 -3.26
N PHE A 101 -7.10 8.37 -2.45
CA PHE A 101 -6.51 9.13 -1.35
C PHE A 101 -5.49 10.15 -1.85
N CYS A 102 -4.71 9.81 -2.90
CA CYS A 102 -3.78 10.79 -3.46
C CYS A 102 -4.51 11.98 -4.05
N GLY A 103 -5.61 11.74 -4.77
CA GLY A 103 -6.38 12.84 -5.33
C GLY A 103 -6.95 13.77 -4.28
N LEU A 104 -7.50 13.18 -3.21
CA LEU A 104 -8.02 13.98 -2.10
C LEU A 104 -6.88 14.68 -1.37
N LEU A 105 -5.77 13.98 -1.13
CA LEU A 105 -4.58 14.60 -0.56
C LEU A 105 -4.20 15.87 -1.30
N TRP A 106 -4.24 15.85 -2.63
CA TRP A 106 -3.82 17.02 -3.38
C TRP A 106 -4.68 18.22 -3.03
N TRP A 107 -6.00 18.04 -3.00
CA TRP A 107 -6.91 19.13 -2.67
C TRP A 107 -6.68 19.60 -1.26
N ILE A 108 -6.52 18.65 -0.33
CA ILE A 108 -6.40 18.98 1.08
C ILE A 108 -5.07 19.71 1.34
N ALA A 109 -3.97 19.26 0.73
CA ALA A 109 -2.66 19.83 0.99
C ALA A 109 -2.49 21.22 0.38
N PHE A 110 -2.95 21.41 -0.85
CA PHE A 110 -2.57 22.58 -1.63
C PHE A 110 -3.69 23.59 -1.80
N HIS A 111 -4.93 23.22 -1.51
CA HIS A 111 -6.03 24.14 -1.69
C HIS A 111 -6.71 24.42 -0.36
N MET A 112 -7.03 23.40 0.42
CA MET A 112 -7.51 23.65 1.78
C MET A 112 -6.36 24.07 2.67
N ARG A 113 -5.16 23.61 2.35
CA ARG A 113 -3.96 23.84 3.13
C ARG A 113 -4.21 23.48 4.58
N ASP A 114 -4.73 22.27 4.81
CA ASP A 114 -5.21 21.84 6.13
C ASP A 114 -4.28 20.73 6.62
N ARG A 115 -3.26 21.10 7.41
CA ARG A 115 -2.17 20.15 7.61
C ARG A 115 -2.56 18.99 8.53
N PRO A 116 -3.35 19.21 9.59
CA PRO A 116 -3.81 18.05 10.37
C PRO A 116 -4.63 17.06 9.55
N LEU A 117 -5.44 17.57 8.60
CA LEU A 117 -6.22 16.66 7.76
C LEU A 117 -5.33 15.93 6.75
N VAL A 118 -4.22 16.56 6.37
CA VAL A 118 -3.22 15.82 5.59
C VAL A 118 -2.72 14.61 6.37
N ILE A 119 -2.46 14.76 7.67
CA ILE A 119 -1.98 13.63 8.46
C ILE A 119 -3.01 12.50 8.43
N ALA A 120 -4.28 12.83 8.63
CA ALA A 120 -5.31 11.80 8.61
C ALA A 120 -5.35 11.12 7.27
N THR A 121 -5.21 11.89 6.20
CA THR A 121 -5.29 11.34 4.86
C THR A 121 -4.11 10.41 4.58
N LEU A 122 -2.91 10.79 5.01
CA LEU A 122 -1.77 9.89 4.84
C LEU A 122 -1.96 8.62 5.65
N ILE A 123 -2.50 8.72 6.87
CA ILE A 123 -2.77 7.50 7.63
C ILE A 123 -3.75 6.62 6.88
N CYS A 124 -4.82 7.20 6.32
CA CYS A 124 -5.77 6.41 5.54
C CYS A 124 -5.11 5.77 4.32
N LEU A 125 -4.27 6.53 3.61
CA LEU A 125 -3.63 6.01 2.40
C LEU A 125 -2.74 4.81 2.74
N VAL A 126 -1.88 4.95 3.75
CA VAL A 126 -0.99 3.85 4.12
C VAL A 126 -1.78 2.67 4.66
N THR A 127 -2.71 2.93 5.60
CA THR A 127 -3.47 1.82 6.18
C THR A 127 -4.37 1.13 5.16
N SER A 128 -4.89 1.85 4.16
CA SER A 128 -5.63 1.16 3.12
C SER A 128 -4.78 0.09 2.42
N GLN A 129 -3.48 0.33 2.29
CA GLN A 129 -2.61 -0.64 1.63
C GLN A 129 -2.21 -1.72 2.62
N VAL A 130 -1.89 -1.32 3.84
CA VAL A 130 -1.43 -2.29 4.85
C VAL A 130 -2.53 -3.26 5.25
N ILE A 131 -3.76 -2.77 5.45
CA ILE A 131 -4.88 -3.65 5.80
C ILE A 131 -5.03 -4.77 4.77
N SER A 132 -5.01 -4.40 3.49
CA SER A 132 -5.13 -5.40 2.43
C SER A 132 -3.91 -6.30 2.40
N TYR A 133 -2.74 -5.75 2.65
CA TYR A 133 -1.52 -6.54 2.61
C TYR A 133 -1.55 -7.64 3.67
N ILE A 134 -2.00 -7.32 4.87
CA ILE A 134 -1.98 -8.32 5.95
C ILE A 134 -2.78 -9.54 5.53
N LYS A 135 -3.94 -9.33 4.89
CA LYS A 135 -4.77 -10.44 4.46
C LYS A 135 -4.04 -11.30 3.42
N ALA A 136 -3.54 -10.66 2.35
CA ALA A 136 -2.83 -11.40 1.29
C ALA A 136 -1.60 -12.10 1.84
N ARG A 137 -0.80 -11.39 2.62
CA ARG A 137 0.44 -11.99 3.13
C ARG A 137 0.16 -13.12 4.11
N ALA A 138 -0.91 -13.00 4.90
CA ALA A 138 -1.29 -14.11 5.77
C ALA A 138 -1.65 -15.35 4.96
N GLU A 139 -2.48 -15.16 3.94
CA GLU A 139 -2.89 -16.27 3.10
C GLU A 139 -1.71 -16.91 2.38
N ALA A 140 -0.72 -16.11 2.00
CA ALA A 140 0.47 -16.64 1.36
C ALA A 140 1.20 -17.63 2.24
N SER A 141 1.09 -17.49 3.56
CA SER A 141 1.65 -18.43 4.51
C SER A 141 0.64 -19.45 5.02
N GLY A 142 -0.55 -19.50 4.45
CA GLY A 142 -1.53 -20.44 4.93
C GLY A 142 -2.24 -20.06 6.21
N LEU A 143 -2.21 -18.78 6.59
CA LEU A 143 -2.92 -18.28 7.75
C LEU A 143 -4.12 -17.43 7.28
N ARG A 144 -4.86 -16.90 8.22
CA ARG A 144 -5.97 -16.00 7.91
C ARG A 144 -5.64 -14.60 8.41
N GLY A 145 -6.04 -13.60 7.64
CA GLY A 145 -5.78 -12.23 8.05
C GLY A 145 -6.85 -11.25 7.63
N ASP A 146 -8.09 -11.70 7.58
CA ASP A 146 -9.19 -10.84 7.19
C ASP A 146 -9.96 -10.31 8.40
N GLY A 147 -11.09 -9.69 8.12
CA GLY A 147 -11.95 -9.13 9.14
C GLY A 147 -11.54 -7.74 9.57
N GLY A 148 -11.92 -7.41 10.81
CA GLY A 148 -11.72 -6.09 11.34
C GLY A 148 -12.76 -5.10 10.87
N PHE A 149 -12.65 -3.88 11.41
CA PHE A 149 -13.66 -2.83 11.21
C PHE A 149 -13.69 -2.34 9.77
N ILE A 150 -12.53 -2.02 9.19
CA ILE A 150 -12.46 -1.35 7.89
C ILE A 150 -11.96 -2.33 6.85
N GLU A 151 -12.86 -2.80 6.00
CA GLU A 151 -12.51 -3.47 4.77
C GLU A 151 -12.82 -2.50 3.62
N ARG A 152 -12.59 -2.97 2.41
CA ARG A 152 -12.71 -2.03 1.30
C ARG A 152 -14.10 -1.40 1.22
N PRO A 153 -15.19 -2.14 1.43
CA PRO A 153 -16.50 -1.49 1.35
C PRO A 153 -16.68 -0.40 2.38
N GLU A 154 -16.28 -0.64 3.63
CA GLU A 154 -16.39 0.41 4.63
C GLU A 154 -15.49 1.58 4.29
N ARG A 155 -14.28 1.29 3.82
CA ARG A 155 -13.34 2.34 3.47
C ARG A 155 -13.94 3.30 2.46
N LEU A 156 -14.50 2.74 1.38
CA LEU A 156 -15.08 3.54 0.31
C LEU A 156 -16.31 4.29 0.78
N ILE A 157 -17.18 3.61 1.52
CA ILE A 157 -18.37 4.28 2.03
C ILE A 157 -17.96 5.49 2.85
N ILE A 158 -16.99 5.35 3.75
CA ILE A 158 -16.68 6.45 4.64
C ILE A 158 -16.06 7.60 3.86
N VAL A 159 -15.04 7.32 3.07
CA VAL A 159 -14.29 8.43 2.47
C VAL A 159 -15.10 9.09 1.37
N LEU A 160 -15.80 8.29 0.55
CA LEU A 160 -16.57 8.89 -0.53
C LEU A 160 -17.83 9.59 -0.02
N THR A 161 -18.44 9.10 1.06
CA THR A 161 -19.54 9.86 1.68
C THR A 161 -19.04 11.14 2.32
N GLY A 162 -17.91 11.10 3.00
CA GLY A 162 -17.33 12.33 3.50
C GLY A 162 -17.02 13.32 2.39
N ALA A 163 -16.38 12.85 1.33
CA ALA A 163 -16.07 13.73 0.20
C ALA A 163 -17.35 14.26 -0.45
N GLY A 164 -18.29 13.37 -0.74
CA GLY A 164 -19.49 13.79 -1.47
C GLY A 164 -20.34 14.78 -0.67
N VAL A 165 -20.53 14.50 0.63
CA VAL A 165 -21.33 15.39 1.47
C VAL A 165 -20.66 16.75 1.62
N SER A 166 -19.31 16.78 1.70
CA SER A 166 -18.62 18.05 1.85
C SER A 166 -18.84 18.97 0.66
N ASP A 167 -19.25 18.42 -0.48
CA ASP A 167 -19.41 19.12 -1.76
C ASP A 167 -20.79 18.84 -2.33
N PHE A 168 -21.73 18.46 -1.49
CA PHE A 168 -23.02 18.00 -1.95
C PHE A 168 -23.75 19.12 -2.69
N PRO A 169 -24.48 18.82 -3.76
CA PRO A 169 -25.25 19.89 -4.42
C PRO A 169 -26.30 20.45 -3.47
N PHE A 170 -26.44 21.77 -3.49
CA PHE A 170 -27.46 22.53 -2.78
C PHE A 170 -27.23 22.63 -1.26
N VAL A 171 -26.98 21.51 -0.60
CA VAL A 171 -26.82 21.50 0.86
C VAL A 171 -25.48 20.88 1.24
N PRO A 172 -24.38 21.46 0.82
CA PRO A 172 -23.06 20.92 1.18
C PRO A 172 -22.74 21.18 2.65
N TRP A 173 -21.99 20.25 3.23
CA TRP A 173 -21.50 20.40 4.60
C TRP A 173 -19.99 20.13 4.60
N PRO A 174 -19.17 21.17 4.44
CA PRO A 174 -17.75 20.98 4.20
C PRO A 174 -17.03 20.16 5.26
N PRO A 175 -17.40 20.24 6.55
CA PRO A 175 -16.67 19.42 7.54
C PRO A 175 -16.77 17.93 7.33
N ALA A 176 -17.70 17.46 6.48
CA ALA A 176 -17.87 16.01 6.31
C ALA A 176 -16.57 15.34 5.84
N LEU A 177 -15.77 16.04 5.04
CA LEU A 177 -14.53 15.47 4.52
C LEU A 177 -13.59 15.12 5.67
N SER A 178 -13.42 16.06 6.62
CA SER A 178 -12.58 15.85 7.80
C SER A 178 -13.14 14.78 8.71
N VAL A 179 -14.46 14.80 8.98
CA VAL A 179 -15.08 13.77 9.79
C VAL A 179 -14.77 12.40 9.24
N GLY A 180 -15.06 12.19 7.95
CA GLY A 180 -14.83 10.91 7.34
C GLY A 180 -13.38 10.49 7.41
N MET A 181 -12.47 11.40 7.10
CA MET A 181 -11.05 11.00 7.09
C MET A 181 -10.55 10.64 8.49
N TRP A 182 -10.95 11.38 9.52
CA TRP A 182 -10.46 11.07 10.86
C TRP A 182 -11.08 9.78 11.39
N LEU A 183 -12.38 9.58 11.15
CA LEU A 183 -12.98 8.33 11.58
C LEU A 183 -12.30 7.16 10.86
N LEU A 184 -12.07 7.31 9.57
CA LEU A 184 -11.43 6.22 8.82
C LEU A 184 -10.01 5.97 9.31
N ALA A 185 -9.25 7.04 9.59
CA ALA A 185 -7.88 6.88 10.08
C ALA A 185 -7.85 6.07 11.38
N VAL A 186 -8.66 6.48 12.36
CA VAL A 186 -8.70 5.75 13.63
C VAL A 186 -9.15 4.30 13.41
N ALA A 187 -10.26 4.10 12.74
CA ALA A 187 -10.77 2.74 12.58
C ALA A 187 -9.80 1.89 11.77
N SER A 188 -9.11 2.49 10.80
CA SER A 188 -8.14 1.74 10.00
C SER A 188 -6.93 1.31 10.84
N VAL A 189 -6.42 2.17 11.70
CA VAL A 189 -5.31 1.76 12.55
C VAL A 189 -5.72 0.55 13.41
N ILE A 190 -6.90 0.63 14.02
CA ILE A 190 -7.46 -0.48 14.78
C ILE A 190 -7.56 -1.73 13.93
N THR A 191 -8.04 -1.60 12.69
CA THR A 191 -8.18 -2.76 11.83
C THR A 191 -6.85 -3.45 11.57
N CYS A 192 -5.75 -2.69 11.49
CA CYS A 192 -4.45 -3.31 11.27
C CYS A 192 -4.11 -4.21 12.45
N VAL A 193 -4.40 -3.74 13.65
CA VAL A 193 -4.13 -4.53 14.84
C VAL A 193 -5.06 -5.75 14.89
N GLN A 194 -6.35 -5.54 14.64
CA GLN A 194 -7.28 -6.66 14.55
C GLN A 194 -6.80 -7.73 13.58
N ARG A 195 -6.39 -7.32 12.39
CA ARG A 195 -6.02 -8.33 11.39
C ARG A 195 -4.77 -9.09 11.81
N LEU A 196 -3.79 -8.41 12.40
CA LEU A 196 -2.60 -9.10 12.83
C LEU A 196 -2.92 -10.07 13.97
N HIS A 197 -3.86 -9.72 14.83
CA HIS A 197 -4.31 -10.65 15.86
C HIS A 197 -4.96 -11.89 15.24
N THR A 198 -5.78 -11.69 14.22
CA THR A 198 -6.33 -12.80 13.46
C THR A 198 -5.25 -13.69 12.86
N VAL A 199 -4.14 -13.10 12.35
CA VAL A 199 -3.04 -13.92 11.86
C VAL A 199 -2.47 -14.75 13.01
N TRP A 200 -2.28 -14.10 14.16
CA TRP A 200 -1.59 -14.74 15.27
C TRP A 200 -2.37 -15.95 15.79
N THR A 201 -3.70 -15.88 15.75
CA THR A 201 -4.56 -16.95 16.23
C THR A 201 -4.86 -18.01 15.18
N SER A 202 -4.36 -17.87 13.96
CA SER A 202 -4.59 -18.86 12.91
C SER A 202 -3.90 -20.19 13.27
N PRO A 203 -4.51 -21.33 12.94
CA PRO A 203 -3.85 -22.61 13.22
C PRO A 203 -2.46 -22.68 12.59
N GLY A 204 -1.49 -23.03 13.42
CA GLY A 204 -0.12 -23.21 12.98
C GLY A 204 0.70 -21.94 13.01
N ALA A 205 0.13 -20.82 13.45
CA ALA A 205 0.78 -19.53 13.26
C ALA A 205 2.07 -19.39 14.05
N ILE A 206 2.23 -20.12 15.16
CA ILE A 206 3.40 -19.93 16.00
C ILE A 206 4.29 -21.18 16.08
N ASP A 207 4.03 -22.20 15.27
CA ASP A 207 4.98 -23.30 15.13
C ASP A 207 6.26 -22.82 14.47
N ARG A 208 7.39 -23.28 14.99
CA ARG A 208 8.68 -22.87 14.45
C ARG A 208 9.06 -23.73 13.25
N MET A 209 9.79 -23.10 12.34
CA MET A 209 10.15 -23.69 11.08
C MET A 209 11.49 -23.12 10.65
N ALA A 210 12.23 -23.86 9.86
CA ALA A 210 13.43 -23.30 9.29
C ALA A 210 13.07 -22.09 8.43
N ILE A 211 13.91 -21.06 8.49
CA ILE A 211 13.73 -19.85 7.70
C ILE A 211 14.35 -20.09 6.33
N ILE B 15 28.71 -11.42 14.90
CA ILE B 15 28.26 -10.30 15.73
C ILE B 15 26.78 -10.38 16.11
N THR B 16 25.90 -10.66 15.14
CA THR B 16 24.48 -10.69 15.45
C THR B 16 24.13 -11.85 16.38
N THR B 17 24.83 -12.97 16.23
CA THR B 17 24.51 -14.16 17.01
C THR B 17 24.62 -13.94 18.52
N PRO B 18 25.71 -13.38 19.05
CA PRO B 18 25.76 -13.14 20.51
C PRO B 18 24.76 -12.09 20.97
N ILE B 19 24.47 -11.08 20.14
CA ILE B 19 23.46 -10.08 20.51
C ILE B 19 22.09 -10.74 20.56
N ALA B 20 21.76 -11.51 19.52
CA ALA B 20 20.47 -12.20 19.47
C ALA B 20 20.28 -13.07 20.70
N ARG B 21 21.32 -13.84 21.07
CA ARG B 21 21.23 -14.69 22.23
C ARG B 21 21.03 -13.89 23.50
N GLY B 22 21.72 -12.76 23.64
CA GLY B 22 21.52 -11.91 24.80
C GLY B 22 20.12 -11.35 24.89
N LEU B 23 19.48 -11.10 23.74
CA LEU B 23 18.10 -10.61 23.75
C LEU B 23 17.16 -11.74 24.11
N LEU B 24 17.38 -12.95 23.58
CA LEU B 24 16.56 -14.09 24.00
C LEU B 24 16.71 -14.33 25.49
N ARG B 25 17.92 -14.13 26.00
CA ARG B 25 18.22 -14.41 27.40
C ARG B 25 17.43 -13.52 28.33
N VAL B 26 17.15 -12.28 27.92
CA VAL B 26 16.33 -11.42 28.78
C VAL B 26 14.85 -11.53 28.42
N GLY B 27 14.48 -12.55 27.67
CA GLY B 27 13.07 -12.82 27.46
C GLY B 27 12.43 -12.05 26.33
N LEU B 28 13.19 -11.30 25.54
CA LEU B 28 12.63 -10.73 24.33
C LEU B 28 12.40 -11.83 23.30
N THR B 29 11.37 -11.65 22.48
CA THR B 29 11.07 -12.56 21.41
C THR B 29 11.35 -11.88 20.07
N PRO B 30 11.56 -12.66 19.00
CA PRO B 30 11.69 -12.02 17.69
C PRO B 30 10.53 -11.05 17.40
N ASP B 31 9.29 -11.42 17.73
CA ASP B 31 8.14 -10.56 17.40
C ASP B 31 8.22 -9.18 18.08
N VAL B 32 8.62 -9.14 19.36
CA VAL B 32 8.77 -7.87 20.05
C VAL B 32 9.88 -7.02 19.43
N VAL B 33 11.00 -7.64 19.10
CA VAL B 33 12.11 -6.91 18.49
C VAL B 33 11.72 -6.37 17.10
N THR B 34 11.00 -7.16 16.29
CA THR B 34 10.44 -6.65 15.04
C THR B 34 9.66 -5.36 15.27
N ILE B 35 8.74 -5.39 16.22
CA ILE B 35 7.89 -4.24 16.49
C ILE B 35 8.70 -3.06 17.01
N LEU B 36 9.68 -3.32 17.88
CA LEU B 36 10.42 -2.21 18.47
C LEU B 36 11.27 -1.53 17.42
N GLY B 37 11.94 -2.31 16.57
CA GLY B 37 12.75 -1.73 15.50
C GLY B 37 11.90 -0.94 14.52
N THR B 38 10.72 -1.46 14.21
CA THR B 38 9.83 -0.78 13.27
C THR B 38 9.32 0.51 13.87
N THR B 39 8.95 0.48 15.15
CA THR B 39 8.51 1.70 15.81
C THR B 39 9.59 2.77 15.80
N ALA B 40 10.84 2.36 16.07
CA ALA B 40 11.93 3.32 16.10
C ALA B 40 12.18 3.90 14.72
N SER B 41 12.15 3.06 13.69
N SER B 41 12.17 3.05 13.69
CA SER B 41 12.38 3.54 12.33
CA SER B 41 12.38 3.53 12.34
C SER B 41 11.28 4.49 11.90
C SER B 41 11.28 4.53 11.95
N VAL B 42 10.03 4.16 12.22
CA VAL B 42 8.90 5.04 11.90
C VAL B 42 9.03 6.38 12.63
N ALA B 43 9.32 6.33 13.94
CA ALA B 43 9.51 7.56 14.70
C ALA B 43 10.63 8.39 14.11
N GLY B 44 11.72 7.74 13.70
CA GLY B 44 12.83 8.47 13.11
C GLY B 44 12.45 9.14 11.81
N ALA B 45 11.79 8.38 10.93
CA ALA B 45 11.42 8.94 9.64
C ALA B 45 10.41 10.06 9.80
N LEU B 46 9.44 9.91 10.70
CA LEU B 46 8.40 10.93 10.80
C LEU B 46 8.81 12.13 11.62
N THR B 47 9.93 12.04 12.34
CA THR B 47 10.47 13.16 13.07
C THR B 47 11.46 13.95 12.22
N LEU B 48 12.40 13.24 11.59
CA LEU B 48 13.53 13.87 10.95
C LEU B 48 13.23 14.34 9.53
N PHE B 49 12.50 13.54 8.73
CA PHE B 49 12.32 13.92 7.34
C PHE B 49 11.43 15.17 7.25
N PRO B 50 10.34 15.27 8.02
CA PRO B 50 9.50 16.47 7.87
C PRO B 50 10.19 17.75 8.28
N MET B 51 11.21 17.66 9.13
CA MET B 51 12.04 18.79 9.52
C MET B 51 13.13 19.11 8.50
N GLY B 52 13.27 18.33 7.45
CA GLY B 52 14.32 18.60 6.49
C GLY B 52 15.67 18.04 6.85
N LYS B 53 15.75 17.20 7.89
CA LYS B 53 17.00 16.56 8.30
C LYS B 53 17.12 15.22 7.57
N LEU B 54 17.31 15.33 6.26
CA LEU B 54 17.24 14.15 5.40
C LEU B 54 18.47 13.25 5.52
N PHE B 55 19.66 13.81 5.72
CA PHE B 55 20.83 12.96 5.94
C PHE B 55 20.73 12.21 7.26
N ALA B 56 20.35 12.91 8.33
CA ALA B 56 20.15 12.24 9.61
C ALA B 56 19.06 11.19 9.50
N GLY B 57 17.95 11.53 8.85
CA GLY B 57 16.88 10.57 8.70
C GLY B 57 17.31 9.33 7.96
N ALA B 58 18.06 9.52 6.87
CA ALA B 58 18.54 8.37 6.11
C ALA B 58 19.47 7.52 6.95
N CYS B 59 20.33 8.15 7.77
CA CYS B 59 21.22 7.37 8.65
C CYS B 59 20.42 6.57 9.67
N VAL B 60 19.35 7.15 10.21
CA VAL B 60 18.55 6.44 11.21
C VAL B 60 17.84 5.26 10.56
N VAL B 61 17.23 5.48 9.39
CA VAL B 61 16.58 4.38 8.71
C VAL B 61 17.57 3.27 8.39
N TRP B 62 18.78 3.62 7.91
CA TRP B 62 19.75 2.58 7.61
C TRP B 62 20.14 1.84 8.87
N PHE B 63 20.30 2.57 9.98
CA PHE B 63 20.62 1.92 11.24
C PHE B 63 19.60 0.82 11.57
N PHE B 64 18.30 1.10 11.40
CA PHE B 64 17.33 0.10 11.76
C PHE B 64 17.17 -0.98 10.71
N VAL B 65 17.66 -0.73 9.49
CA VAL B 65 17.86 -1.84 8.55
C VAL B 65 18.87 -2.82 9.12
N LEU B 66 19.98 -2.31 9.66
CA LEU B 66 20.98 -3.16 10.30
C LEU B 66 20.39 -3.86 11.52
N PHE B 67 19.68 -3.12 12.36
CA PHE B 67 18.98 -3.67 13.53
C PHE B 67 18.09 -4.83 13.12
N ASP B 68 17.50 -4.75 11.95
CA ASP B 68 16.61 -5.77 11.47
C ASP B 68 17.30 -7.12 11.24
N MET B 69 18.62 -7.22 11.36
CA MET B 69 19.26 -8.53 11.34
C MET B 69 18.99 -9.33 12.62
N LEU B 70 18.57 -8.66 13.69
CA LEU B 70 18.51 -9.30 15.02
C LEU B 70 17.28 -10.17 15.17
N ASP B 71 16.13 -9.76 14.64
CA ASP B 71 14.93 -10.56 14.85
C ASP B 71 15.00 -11.90 14.11
N GLY B 72 15.52 -11.90 12.89
CA GLY B 72 15.72 -13.17 12.19
C GLY B 72 16.76 -14.05 12.87
N ALA B 73 17.84 -13.45 13.35
CA ALA B 73 18.86 -14.21 14.08
C ALA B 73 18.29 -14.81 15.37
N MET B 74 17.51 -14.03 16.11
CA MET B 74 16.84 -14.54 17.30
C MET B 74 15.94 -15.72 16.95
N ALA B 75 15.17 -15.60 15.85
CA ALA B 75 14.26 -16.66 15.45
C ALA B 75 15.03 -17.93 15.09
N ARG B 76 16.11 -17.80 14.32
CA ARG B 76 16.87 -19.00 13.94
C ARG B 76 17.44 -19.71 15.17
N GLU B 77 17.95 -18.94 16.13
CA GLU B 77 18.63 -19.54 17.28
C GLU B 77 17.68 -20.37 18.13
N ARG B 78 16.45 -19.91 18.33
CA ARG B 78 15.54 -20.60 19.23
C ARG B 78 14.78 -21.73 18.56
N GLY B 79 15.19 -22.11 17.35
CA GLY B 79 14.65 -23.25 16.66
C GLY B 79 13.88 -22.93 15.40
N GLY B 80 13.66 -21.67 15.07
CA GLY B 80 13.10 -21.33 13.77
C GLY B 80 12.13 -20.16 13.84
N GLY B 81 11.87 -19.57 12.67
CA GLY B 81 10.87 -18.53 12.58
C GLY B 81 9.47 -19.12 12.64
N THR B 82 8.49 -18.23 12.73
CA THR B 82 7.09 -18.64 12.71
C THR B 82 6.38 -17.98 11.53
N ARG B 83 5.26 -18.59 11.13
CA ARG B 83 4.47 -17.98 10.06
C ARG B 83 3.93 -16.62 10.47
N PHE B 84 3.42 -16.49 11.70
CA PHE B 84 3.04 -15.18 12.19
C PHE B 84 4.22 -14.21 12.14
N GLY B 85 5.40 -14.66 12.56
CA GLY B 85 6.56 -13.78 12.55
C GLY B 85 6.91 -13.29 11.16
N ALA B 86 6.79 -14.17 10.17
CA ALA B 86 7.06 -13.79 8.79
C ALA B 86 6.05 -12.76 8.30
N VAL B 87 4.76 -12.98 8.60
CA VAL B 87 3.71 -12.04 8.22
C VAL B 87 3.90 -10.69 8.90
N LEU B 88 4.17 -10.71 10.22
CA LEU B 88 4.45 -9.50 10.97
C LEU B 88 5.65 -8.75 10.43
N ASP B 89 6.73 -9.47 10.15
CA ASP B 89 7.93 -8.84 9.65
C ASP B 89 7.65 -8.15 8.31
N ALA B 90 6.90 -8.81 7.44
CA ALA B 90 6.65 -8.24 6.11
C ALA B 90 5.68 -7.06 6.21
N THR B 91 4.69 -7.18 7.08
CA THR B 91 3.77 -6.09 7.34
C THR B 91 4.52 -4.87 7.86
N CYS B 92 5.46 -5.07 8.76
CA CYS B 92 6.22 -3.96 9.33
C CYS B 92 7.07 -3.28 8.26
N ASP B 93 7.62 -4.07 7.33
CA ASP B 93 8.32 -3.53 6.17
C ASP B 93 7.45 -2.53 5.40
N ARG B 94 6.16 -2.84 5.22
CA ARG B 94 5.27 -1.91 4.50
C ARG B 94 5.06 -0.64 5.30
N ILE B 95 4.85 -0.77 6.60
CA ILE B 95 4.65 0.38 7.48
C ILE B 95 5.89 1.25 7.45
N SER B 96 7.06 0.62 7.52
CA SER B 96 8.32 1.36 7.48
C SER B 96 8.49 2.11 6.18
N ASP B 97 8.28 1.42 5.04
CA ASP B 97 8.37 2.08 3.73
C ASP B 97 7.39 3.25 3.69
N GLY B 98 6.16 3.03 4.12
CA GLY B 98 5.18 4.11 4.14
C GLY B 98 5.63 5.33 4.92
N ALA B 99 6.23 5.11 6.09
CA ALA B 99 6.66 6.23 6.92
C ALA B 99 7.76 7.02 6.24
N VAL B 100 8.71 6.33 5.58
CA VAL B 100 9.78 7.01 4.84
C VAL B 100 9.19 7.95 3.80
N PHE B 101 8.26 7.45 2.99
CA PHE B 101 7.76 8.31 1.92
C PHE B 101 6.85 9.40 2.47
N CYS B 102 6.04 9.09 3.49
CA CYS B 102 5.21 10.13 4.11
C CYS B 102 6.06 11.22 4.73
N GLY B 103 7.14 10.83 5.42
CA GLY B 103 8.00 11.81 6.04
C GLY B 103 8.63 12.72 5.00
N LEU B 104 9.13 12.14 3.91
CA LEU B 104 9.74 12.92 2.87
C LEU B 104 8.70 13.79 2.17
N LEU B 105 7.51 13.24 1.92
CA LEU B 105 6.41 13.99 1.32
C LEU B 105 6.14 15.27 2.08
N TRP B 106 6.17 15.20 3.41
CA TRP B 106 5.87 16.38 4.21
C TRP B 106 6.87 17.50 3.95
N TRP B 107 8.15 17.14 3.90
CA TRP B 107 9.18 18.13 3.60
C TRP B 107 8.99 18.68 2.19
N ILE B 108 8.75 17.78 1.23
CA ILE B 108 8.65 18.17 -0.16
C ILE B 108 7.42 19.04 -0.41
N ALA B 109 6.30 18.64 0.17
CA ALA B 109 5.05 19.38 -0.07
C ALA B 109 5.03 20.72 0.62
N PHE B 110 5.48 20.80 1.88
CA PHE B 110 5.21 22.00 2.67
C PHE B 110 6.40 22.89 2.87
N HIS B 111 7.60 22.40 2.61
CA HIS B 111 8.80 23.23 2.73
C HIS B 111 9.45 23.50 1.40
N MET B 112 9.72 22.47 0.61
CA MET B 112 10.19 22.70 -0.75
C MET B 112 9.07 23.25 -1.62
N ARG B 113 7.83 22.95 -1.29
CA ARG B 113 6.67 23.35 -2.10
C ARG B 113 6.88 23.00 -3.57
N ASP B 114 7.34 21.78 -3.80
CA ASP B 114 7.73 21.32 -5.13
C ASP B 114 6.66 20.35 -5.62
N ARG B 115 5.69 20.86 -6.36
CA ARG B 115 4.52 20.02 -6.64
C ARG B 115 4.85 18.86 -7.57
N PRO B 116 5.65 19.06 -8.63
CA PRO B 116 6.03 17.87 -9.42
C PRO B 116 6.71 16.79 -8.60
N LEU B 117 7.59 17.16 -7.68
CA LEU B 117 8.24 16.14 -6.85
C LEU B 117 7.23 15.46 -5.94
N VAL B 118 6.18 16.17 -5.54
CA VAL B 118 5.14 15.51 -4.75
C VAL B 118 4.50 14.40 -5.57
N ILE B 119 4.28 14.66 -6.85
CA ILE B 119 3.71 13.63 -7.71
C ILE B 119 4.61 12.40 -7.75
N ALA B 120 5.92 12.59 -7.96
CA ALA B 120 6.83 11.44 -7.98
C ALA B 120 6.80 10.71 -6.65
N THR B 121 6.78 11.45 -5.55
CA THR B 121 6.80 10.85 -4.22
C THR B 121 5.55 10.02 -3.96
N LEU B 122 4.40 10.53 -4.41
CA LEU B 122 3.16 9.78 -4.22
C LEU B 122 3.15 8.53 -5.10
N ILE B 123 3.71 8.61 -6.31
CA ILE B 123 3.84 7.40 -7.12
C ILE B 123 4.70 6.37 -6.40
N CYS B 124 5.84 6.81 -5.83
CA CYS B 124 6.74 5.90 -5.11
C CYS B 124 6.01 5.29 -3.92
N LEU B 125 5.26 6.11 -3.20
CA LEU B 125 4.57 5.62 -2.00
C LEU B 125 3.58 4.52 -2.35
N VAL B 126 2.71 4.79 -3.34
CA VAL B 126 1.70 3.81 -3.73
C VAL B 126 2.36 2.58 -4.34
N THR B 127 3.31 2.77 -5.27
CA THR B 127 3.91 1.62 -5.94
C THR B 127 4.75 0.78 -4.99
N SER B 128 5.38 1.38 -3.99
N SER B 128 5.31 1.37 -3.93
CA SER B 128 6.08 0.55 -3.02
CA SER B 128 6.08 0.58 -2.97
C SER B 128 5.10 -0.47 -2.45
C SER B 128 5.20 -0.26 -2.05
N GLN B 129 3.90 -0.02 -2.05
CA GLN B 129 2.92 -0.92 -1.45
C GLN B 129 2.39 -1.90 -2.46
N VAL B 130 2.12 -1.42 -3.69
CA VAL B 130 1.55 -2.29 -4.70
C VAL B 130 2.53 -3.36 -5.12
N ILE B 131 3.83 -3.02 -5.26
CA ILE B 131 4.83 -4.01 -5.66
C ILE B 131 4.84 -5.18 -4.69
N SER B 132 4.88 -4.87 -3.39
CA SER B 132 4.86 -5.93 -2.37
C SER B 132 3.54 -6.68 -2.38
N TYR B 133 2.45 -5.97 -2.60
CA TYR B 133 1.15 -6.62 -2.59
C TYR B 133 1.04 -7.66 -3.69
N ILE B 134 1.50 -7.34 -4.91
CA ILE B 134 1.39 -8.28 -6.01
C ILE B 134 2.02 -9.61 -5.62
N LYS B 135 3.19 -9.56 -4.99
CA LYS B 135 3.88 -10.80 -4.62
C LYS B 135 3.10 -11.61 -3.59
N ALA B 136 2.62 -10.94 -2.53
CA ALA B 136 1.85 -11.62 -1.50
C ALA B 136 0.53 -12.15 -2.06
N ARG B 137 -0.18 -11.34 -2.83
CA ARG B 137 -1.47 -11.78 -3.35
C ARG B 137 -1.29 -12.93 -4.34
N ALA B 138 -0.26 -12.87 -5.18
CA ALA B 138 0.03 -13.98 -6.08
C ALA B 138 0.27 -15.28 -5.30
N GLU B 139 1.12 -15.23 -4.30
CA GLU B 139 1.40 -16.44 -3.50
C GLU B 139 0.16 -16.95 -2.80
N ALA B 140 -0.73 -16.07 -2.36
CA ALA B 140 -1.97 -16.50 -1.74
C ALA B 140 -2.82 -17.34 -2.69
N SER B 141 -2.68 -17.13 -4.01
CA SER B 141 -3.33 -17.95 -5.03
C SER B 141 -2.44 -19.07 -5.59
N GLY B 142 -1.28 -19.33 -5.00
CA GLY B 142 -0.41 -20.36 -5.49
C GLY B 142 0.35 -20.01 -6.76
N LEU B 143 0.44 -18.72 -7.12
CA LEU B 143 1.21 -18.22 -8.25
C LEU B 143 2.47 -17.52 -7.75
N ARG B 144 3.32 -17.09 -8.68
CA ARG B 144 4.54 -16.37 -8.36
C ARG B 144 4.38 -14.91 -8.76
N GLY B 145 4.97 -14.00 -7.99
CA GLY B 145 4.83 -12.59 -8.32
C GLY B 145 5.95 -11.76 -7.77
N ASP B 146 7.16 -12.33 -7.79
CA ASP B 146 8.36 -11.70 -7.29
C ASP B 146 9.20 -11.13 -8.43
N GLY B 147 10.34 -10.58 -8.07
CA GLY B 147 11.30 -10.10 -9.05
C GLY B 147 10.99 -8.70 -9.53
N GLY B 148 11.52 -8.40 -10.69
CA GLY B 148 11.41 -7.08 -11.27
C GLY B 148 12.52 -6.17 -10.77
N PHE B 149 12.52 -4.95 -11.31
CA PHE B 149 13.61 -4.00 -11.08
C PHE B 149 13.72 -3.58 -9.63
N ILE B 150 12.60 -3.22 -8.99
CA ILE B 150 12.61 -2.57 -7.68
C ILE B 150 11.99 -3.52 -6.65
N GLU B 151 12.83 -4.12 -5.83
CA GLU B 151 12.40 -4.76 -4.60
C GLU B 151 12.78 -3.85 -3.44
N ARG B 152 12.46 -4.29 -2.22
CA ARG B 152 12.70 -3.40 -1.09
C ARG B 152 14.15 -2.94 -0.99
N PRO B 153 15.18 -3.77 -1.23
CA PRO B 153 16.55 -3.25 -1.15
C PRO B 153 16.85 -2.13 -2.14
N GLU B 154 16.42 -2.26 -3.39
CA GLU B 154 16.64 -1.22 -4.38
C GLU B 154 15.86 0.04 -4.03
N ARG B 155 14.61 -0.13 -3.58
CA ARG B 155 13.80 1.00 -3.13
C ARG B 155 14.54 1.83 -2.10
N LEU B 156 15.06 1.17 -1.06
CA LEU B 156 15.71 1.90 0.04
C LEU B 156 17.04 2.50 -0.40
N ILE B 157 17.82 1.76 -1.18
CA ILE B 157 19.07 2.33 -1.70
C ILE B 157 18.78 3.60 -2.49
N ILE B 158 17.79 3.57 -3.38
CA ILE B 158 17.56 4.72 -4.24
C ILE B 158 17.06 5.91 -3.43
N VAL B 159 15.99 5.73 -2.66
CA VAL B 159 15.40 6.91 -2.01
C VAL B 159 16.28 7.43 -0.88
N LEU B 160 16.94 6.54 -0.13
CA LEU B 160 17.79 7.02 0.96
C LEU B 160 19.09 7.65 0.44
N THR B 161 19.67 7.13 -0.65
CA THR B 161 20.81 7.81 -1.25
C THR B 161 20.42 9.16 -1.83
N GLY B 162 19.28 9.24 -2.53
CA GLY B 162 18.83 10.55 -2.98
C GLY B 162 18.66 11.53 -1.84
N ALA B 163 17.97 11.09 -0.78
CA ALA B 163 17.72 11.97 0.35
C ALA B 163 19.04 12.35 1.02
N GLY B 164 19.89 11.35 1.27
CA GLY B 164 21.15 11.61 1.95
C GLY B 164 22.08 12.53 1.19
N VAL B 165 22.27 12.27 -0.12
CA VAL B 165 23.11 13.14 -0.93
C VAL B 165 22.53 14.55 -0.99
N SER B 166 21.19 14.70 -1.01
CA SER B 166 20.60 16.01 -1.16
C SER B 166 20.89 16.89 0.06
N ASP B 167 21.25 16.26 1.17
CA ASP B 167 21.51 16.92 2.45
C ASP B 167 22.86 16.50 3.01
N PHE B 168 23.79 16.10 2.14
CA PHE B 168 25.06 15.53 2.58
C PHE B 168 25.91 16.60 3.27
N PRO B 169 26.60 16.27 4.35
CA PRO B 169 27.46 17.27 5.00
C PRO B 169 28.50 17.82 4.02
N PHE B 170 28.57 19.17 3.94
CA PHE B 170 29.62 19.90 3.22
C PHE B 170 29.52 19.85 1.70
N VAL B 171 29.07 18.73 1.15
CA VAL B 171 28.96 18.62 -0.32
C VAL B 171 27.55 18.16 -0.67
N PRO B 172 26.52 18.86 -0.23
CA PRO B 172 25.15 18.46 -0.58
C PRO B 172 24.87 18.81 -2.03
N TRP B 173 24.02 18.00 -2.66
CA TRP B 173 23.55 18.28 -4.00
C TRP B 173 22.04 18.11 -3.96
N PRO B 174 21.32 19.20 -3.67
CA PRO B 174 19.88 19.11 -3.41
C PRO B 174 19.11 18.39 -4.50
N PRO B 175 19.46 18.53 -5.79
CA PRO B 175 18.67 17.82 -6.83
C PRO B 175 18.67 16.31 -6.69
N ALA B 176 19.60 15.75 -5.91
CA ALA B 176 19.66 14.31 -5.73
C ALA B 176 18.34 13.73 -5.27
N LEU B 177 17.61 14.46 -4.41
CA LEU B 177 16.33 13.98 -3.90
C LEU B 177 15.33 13.76 -5.04
N SER B 178 15.27 14.71 -5.97
CA SER B 178 14.38 14.62 -7.13
C SER B 178 14.82 13.53 -8.10
N VAL B 179 16.12 13.45 -8.37
CA VAL B 179 16.64 12.37 -9.23
C VAL B 179 16.23 11.01 -8.70
N GLY B 180 16.48 10.75 -7.43
CA GLY B 180 16.12 9.46 -6.87
C GLY B 180 14.63 9.19 -6.94
N MET B 181 13.82 10.19 -6.62
CA MET B 181 12.38 9.93 -6.56
C MET B 181 11.82 9.67 -7.95
N TRP B 182 12.28 10.41 -8.96
CA TRP B 182 11.79 10.19 -10.31
C TRP B 182 12.31 8.88 -10.89
N LEU B 183 13.58 8.52 -10.64
CA LEU B 183 14.07 7.24 -11.12
C LEU B 183 13.30 6.13 -10.45
N LEU B 184 13.05 6.27 -9.14
CA LEU B 184 12.33 5.23 -8.44
C LEU B 184 10.89 5.14 -8.94
N ALA B 185 10.26 6.28 -9.19
CA ALA B 185 8.88 6.25 -9.63
C ALA B 185 8.75 5.49 -10.94
N VAL B 186 9.59 5.82 -11.92
CA VAL B 186 9.52 5.16 -13.21
C VAL B 186 9.82 3.69 -13.05
N ALA B 187 10.91 3.37 -12.39
CA ALA B 187 11.30 1.98 -12.23
C ALA B 187 10.27 1.18 -11.43
N SER B 188 9.57 1.85 -10.50
CA SER B 188 8.56 1.14 -9.70
C SER B 188 7.31 0.84 -10.53
N VAL B 189 6.88 1.78 -11.38
CA VAL B 189 5.76 1.47 -12.27
C VAL B 189 6.10 0.28 -13.15
N ILE B 190 7.30 0.28 -13.73
CA ILE B 190 7.73 -0.86 -14.55
C ILE B 190 7.70 -2.16 -13.76
N THR B 191 8.17 -2.12 -12.52
CA THR B 191 8.19 -3.31 -11.68
C THR B 191 6.78 -3.87 -11.46
N CYS B 192 5.79 -2.98 -11.28
CA CYS B 192 4.40 -3.46 -11.13
C CYS B 192 4.00 -4.30 -12.33
N VAL B 193 4.30 -3.81 -13.53
CA VAL B 193 3.96 -4.52 -14.76
C VAL B 193 4.76 -5.81 -14.86
N GLN B 194 6.06 -5.75 -14.58
CA GLN B 194 6.87 -6.97 -14.54
C GLN B 194 6.27 -8.02 -13.61
N ARG B 195 5.92 -7.63 -12.38
CA ARG B 195 5.44 -8.62 -11.43
C ARG B 195 4.11 -9.20 -11.88
N LEU B 196 3.22 -8.37 -12.41
CA LEU B 196 1.96 -8.92 -12.92
C LEU B 196 2.21 -9.88 -14.08
N HIS B 197 3.22 -9.60 -14.93
CA HIS B 197 3.54 -10.51 -16.01
C HIS B 197 4.04 -11.85 -15.46
N THR B 198 4.83 -11.82 -14.38
CA THR B 198 5.24 -13.04 -13.71
C THR B 198 4.05 -13.82 -13.16
N VAL B 199 3.04 -13.12 -12.63
CA VAL B 199 1.84 -13.80 -12.17
C VAL B 199 1.17 -14.51 -13.34
N TRP B 200 1.01 -13.77 -14.43
CA TRP B 200 0.31 -14.25 -15.60
C TRP B 200 0.97 -15.50 -16.19
N THR B 201 2.29 -15.58 -16.17
CA THR B 201 3.00 -16.75 -16.68
C THR B 201 3.12 -17.92 -15.71
N SER B 202 2.65 -17.78 -14.49
CA SER B 202 2.78 -18.88 -13.53
C SER B 202 1.91 -20.06 -13.94
N PRO B 203 2.36 -21.28 -13.67
CA PRO B 203 1.49 -22.46 -13.87
C PRO B 203 0.12 -22.28 -13.23
N GLY B 204 -0.91 -22.56 -14.03
CA GLY B 204 -2.26 -22.52 -13.55
C GLY B 204 -2.91 -21.15 -13.51
N ALA B 205 -2.23 -20.10 -13.96
CA ALA B 205 -2.70 -18.76 -13.71
C ALA B 205 -3.93 -18.40 -14.53
N ILE B 206 -4.10 -19.00 -15.71
CA ILE B 206 -5.16 -18.56 -16.61
C ILE B 206 -6.22 -19.64 -16.84
N ASP B 207 -6.17 -20.74 -16.09
CA ASP B 207 -7.21 -21.75 -16.18
C ASP B 207 -8.50 -21.30 -15.51
N ARG B 208 -9.62 -21.48 -16.20
CA ARG B 208 -10.90 -21.11 -15.62
C ARG B 208 -11.29 -22.06 -14.49
N MET B 209 -11.86 -21.50 -13.43
CA MET B 209 -12.33 -22.23 -12.27
C MET B 209 -13.78 -21.84 -12.04
N ALA B 210 -14.69 -22.77 -12.31
CA ALA B 210 -16.13 -22.53 -12.21
C ALA B 210 -16.59 -22.40 -10.75
#